data_2GPP
#
_entry.id   2GPP
#
_cell.length_a   203.81
_cell.length_b   203.81
_cell.length_c   53.46
_cell.angle_alpha   90
_cell.angle_beta   90
_cell.angle_gamma   120
#
_symmetry.space_group_name_H-M   'H 3'
#
loop_
_entity.id
_entity.type
_entity.pdbx_description
1 polymer 'Estrogen-related receptor gamma'
2 polymer 'Nuclear receptor-interacting protein 1'
3 non-polymer "4-HYDROXY-N'-(4-ISOPROPYLBENZYL)BENZOHYDRAZIDE"
4 water water
#
loop_
_entity_poly.entity_id
_entity_poly.type
_entity_poly.pdbx_seq_one_letter_code
_entity_poly.pdbx_strand_id
1 'polypeptide(L)'
;PAKKPYNKIVSHLLVAEPEKIYAMPDPTVPDSDIKALTTLCDLADRELVVIIGWAKHIPGFSTLSLADQMSLLQSAWMEI
LILGVVYRSLSFEDELVYADDYIMDEDQSKLAGLLDLNNAILQLVKKYKSMKLEKEEFVTLKAIALANSDSMHIEDVEAV
QKLQDVLHEALQDYEAGQHMEDPRRAGKMLMTLPLLRQTSTKAVQHFYNIKLEGKVPMHKLFLEMLEAKV
;
A,B
2 'polypeptide(L)' LERNNIKQAANNSLLLHLLKSQTIP C,D
#
loop_
_chem_comp.id
_chem_comp.type
_chem_comp.name
_chem_comp.formula
1BA non-polymer 4-HYDROXY-N'-(4-ISOPROPYLBENZYL)BENZOHYDRAZIDE 'C17 H20 N2 O2'
#
# COMPACT_ATOMS: atom_id res chain seq x y z
N PRO A 5 -28.93 7.60 -8.93
CA PRO A 5 -27.57 7.03 -8.96
C PRO A 5 -26.44 7.95 -9.49
N TYR A 6 -26.80 9.17 -9.92
CA TYR A 6 -25.93 9.98 -10.80
C TYR A 6 -25.00 10.96 -10.06
N ASN A 7 -23.68 10.69 -10.12
CA ASN A 7 -22.65 11.71 -9.90
C ASN A 7 -22.00 11.99 -11.26
N LYS A 8 -21.69 13.25 -11.52
CA LYS A 8 -21.18 13.64 -12.82
C LYS A 8 -19.86 12.94 -13.07
N ILE A 9 -18.94 13.11 -12.13
CA ILE A 9 -17.59 12.61 -12.28
C ILE A 9 -17.57 11.09 -12.47
N VAL A 10 -18.34 10.36 -11.67
CA VAL A 10 -18.40 8.90 -11.82
C VAL A 10 -18.79 8.47 -13.25
N SER A 11 -19.75 9.16 -13.87
CA SER A 11 -20.24 8.76 -15.18
C SER A 11 -19.17 8.86 -16.27
N HIS A 12 -18.30 9.86 -16.18
CA HIS A 12 -17.10 9.91 -17.04
C HIS A 12 -16.16 8.71 -16.84
N LEU A 13 -16.09 8.19 -15.61
CA LEU A 13 -15.23 7.06 -15.29
C LEU A 13 -15.79 5.74 -15.81
N LEU A 14 -17.11 5.66 -16.00
CA LEU A 14 -17.74 4.48 -16.61
C LEU A 14 -17.62 4.39 -18.13
N VAL A 15 -16.98 5.37 -18.77
CA VAL A 15 -16.85 5.40 -20.23
C VAL A 15 -16.45 4.06 -20.85
N ALA A 16 -15.36 3.48 -20.36
CA ALA A 16 -14.80 2.24 -20.93
C ALA A 16 -15.64 1.02 -20.61
N GLU A 17 -16.64 1.19 -19.74
CA GLU A 17 -17.42 0.07 -19.26
C GLU A 17 -18.64 -0.13 -20.16
N PRO A 18 -19.08 -1.39 -20.35
CA PRO A 18 -18.47 -2.67 -19.94
C PRO A 18 -17.31 -3.12 -20.82
N GLU A 19 -16.22 -3.52 -20.18
CA GLU A 19 -15.06 -3.95 -20.92
C GLU A 19 -15.18 -5.42 -21.25
N LYS A 20 -14.60 -5.79 -22.38
CA LYS A 20 -14.41 -7.16 -22.75
C LYS A 20 -13.02 -7.29 -23.31
N ILE A 21 -12.32 -8.34 -22.92
CA ILE A 21 -11.06 -8.66 -23.55
C ILE A 21 -10.97 -10.17 -23.70
N TYR A 22 -10.29 -10.62 -24.75
CA TYR A 22 -10.06 -12.04 -24.96
C TYR A 22 -8.60 -12.35 -25.16
N ALA A 23 -8.20 -13.52 -24.69
CA ALA A 23 -6.87 -14.06 -24.93
C ALA A 23 -6.86 -14.84 -26.21
N MET A 24 -8.00 -15.46 -26.52
CA MET A 24 -8.12 -16.45 -27.60
C MET A 24 -6.97 -17.41 -27.53
N PRO A 25 -6.91 -18.22 -26.46
CA PRO A 25 -5.86 -19.20 -26.31
C PRO A 25 -5.91 -20.22 -27.43
N ASP A 26 -4.75 -20.58 -27.94
CA ASP A 26 -4.63 -21.56 -28.99
C ASP A 26 -4.58 -22.98 -28.41
N PRO A 27 -5.61 -23.80 -28.66
CA PRO A 27 -5.60 -25.15 -28.13
C PRO A 27 -4.78 -26.12 -28.97
N THR A 28 -4.23 -25.63 -30.08
CA THR A 28 -3.38 -26.44 -30.96
C THR A 28 -2.14 -26.96 -30.25
N VAL A 29 -1.66 -26.21 -29.27
CA VAL A 29 -0.43 -26.51 -28.58
C VAL A 29 -0.69 -26.63 -27.09
N PRO A 30 0.13 -27.44 -26.40
CA PRO A 30 -0.04 -27.59 -24.96
C PRO A 30 0.27 -26.31 -24.21
N ASP A 31 -0.42 -26.11 -23.11
CA ASP A 31 -0.15 -24.98 -22.26
C ASP A 31 1.17 -25.21 -21.53
N SER A 32 1.94 -24.14 -21.40
CA SER A 32 3.16 -24.12 -20.63
C SER A 32 3.17 -22.85 -19.81
N ASP A 33 4.16 -22.73 -18.94
CA ASP A 33 4.37 -21.50 -18.21
C ASP A 33 4.69 -20.35 -19.16
N ILE A 34 5.49 -20.61 -20.18
CA ILE A 34 5.81 -19.59 -21.18
C ILE A 34 4.57 -19.14 -21.94
N LYS A 35 3.74 -20.09 -22.34
CA LYS A 35 2.51 -19.73 -23.03
C LYS A 35 1.59 -18.89 -22.14
N ALA A 36 1.43 -19.29 -20.88
CA ALA A 36 0.51 -18.58 -19.99
C ALA A 36 1.02 -17.15 -19.68
N LEU A 37 2.32 -17.02 -19.44
CA LEU A 37 2.90 -15.74 -19.11
C LEU A 37 2.84 -14.82 -20.32
N THR A 38 3.03 -15.39 -21.50
CA THR A 38 2.92 -14.64 -22.75
C THR A 38 1.52 -14.08 -22.94
N THR A 39 0.54 -14.92 -22.73
CA THR A 39 -0.85 -14.51 -22.82
C THR A 39 -1.13 -13.35 -21.87
N LEU A 40 -0.82 -13.53 -20.60
CA LEU A 40 -0.99 -12.45 -19.62
C LEU A 40 -0.31 -11.16 -20.06
N CYS A 41 0.94 -11.23 -20.49
CA CYS A 41 1.61 -10.03 -20.94
C CYS A 41 0.94 -9.41 -22.15
N ASP A 42 0.38 -10.24 -23.00
CA ASP A 42 -0.33 -9.72 -24.15
C ASP A 42 -1.61 -9.01 -23.69
N LEU A 43 -2.33 -9.62 -22.77
CA LEU A 43 -3.53 -9.04 -22.23
C LEU A 43 -3.23 -7.73 -21.54
N ALA A 44 -2.17 -7.74 -20.76
CA ALA A 44 -1.74 -6.53 -20.06
C ALA A 44 -1.45 -5.41 -21.04
N ASP A 45 -0.65 -5.71 -22.06
CA ASP A 45 -0.32 -4.73 -23.10
C ASP A 45 -1.55 -4.10 -23.75
N ARG A 46 -2.54 -4.92 -24.05
CA ARG A 46 -3.73 -4.43 -24.69
C ARG A 46 -4.65 -3.68 -23.73
N GLU A 47 -4.85 -4.19 -22.53
CA GLU A 47 -5.63 -3.43 -21.53
C GLU A 47 -5.05 -2.06 -21.26
N LEU A 48 -3.73 -1.93 -21.30
CA LEU A 48 -3.10 -0.66 -21.08
C LEU A 48 -3.52 0.36 -22.12
N VAL A 49 -3.80 -0.08 -23.33
CA VAL A 49 -4.33 0.82 -24.34
C VAL A 49 -5.72 1.32 -23.90
N VAL A 50 -6.52 0.42 -23.36
CA VAL A 50 -7.82 0.80 -22.83
C VAL A 50 -7.67 1.71 -21.62
N ILE A 51 -6.73 1.37 -20.75
CA ILE A 51 -6.51 2.16 -19.53
C ILE A 51 -6.07 3.58 -19.90
N ILE A 52 -5.17 3.70 -20.86
CA ILE A 52 -4.72 4.99 -21.31
C ILE A 52 -5.88 5.84 -21.82
N GLY A 53 -6.69 5.30 -22.72
CA GLY A 53 -7.88 6.00 -23.22
C GLY A 53 -8.89 6.39 -22.15
N TRP A 54 -9.11 5.50 -21.19
CA TRP A 54 -10.05 5.77 -20.10
C TRP A 54 -9.57 6.93 -19.24
N ALA A 55 -8.26 7.02 -19.04
CA ALA A 55 -7.66 8.05 -18.20
C ALA A 55 -7.81 9.44 -18.80
N LYS A 56 -7.85 9.50 -20.14
CA LYS A 56 -8.01 10.78 -20.84
C LYS A 56 -9.38 11.41 -20.56
N HIS A 57 -10.35 10.56 -20.23
CA HIS A 57 -11.71 11.01 -19.95
C HIS A 57 -11.88 11.34 -18.48
N ILE A 58 -10.81 11.22 -17.70
CA ILE A 58 -10.85 11.63 -16.31
C ILE A 58 -10.75 13.16 -16.33
N PRO A 59 -11.81 13.83 -15.82
CA PRO A 59 -11.84 15.28 -15.83
C PRO A 59 -10.62 15.81 -15.10
N GLY A 60 -9.79 16.58 -15.80
CA GLY A 60 -8.58 17.11 -15.20
C GLY A 60 -7.33 16.35 -15.62
N PHE A 61 -7.47 15.09 -15.97
CA PHE A 61 -6.28 14.32 -16.31
C PHE A 61 -5.55 14.99 -17.46
N SER A 62 -6.24 15.18 -18.58
CA SER A 62 -5.60 15.66 -19.83
C SER A 62 -5.02 17.06 -19.67
N THR A 63 -5.57 17.83 -18.74
CA THR A 63 -5.11 19.17 -18.44
C THR A 63 -3.72 19.22 -17.82
N LEU A 64 -3.27 18.13 -17.22
CA LEU A 64 -1.94 18.10 -16.66
C LEU A 64 -0.97 18.06 -17.82
N SER A 65 0.27 18.46 -17.55
CA SER A 65 1.30 18.33 -18.54
C SER A 65 1.47 16.86 -18.85
N LEU A 66 2.03 16.58 -20.02
CA LEU A 66 2.13 15.23 -20.49
C LEU A 66 3.06 14.45 -19.56
N ALA A 67 4.23 15.02 -19.26
CA ALA A 67 5.16 14.36 -18.32
C ALA A 67 4.45 13.88 -17.04
N ASP A 68 3.55 14.71 -16.50
CA ASP A 68 2.78 14.35 -15.31
C ASP A 68 1.75 13.25 -15.59
N GLN A 69 1.04 13.32 -16.71
CA GLN A 69 0.14 12.23 -17.08
C GLN A 69 0.92 10.93 -17.14
N MET A 70 2.12 11.00 -17.71
CA MET A 70 3.01 9.85 -17.81
C MET A 70 3.46 9.39 -16.45
N SER A 71 3.87 10.33 -15.62
CA SER A 71 4.32 10.00 -14.28
C SER A 71 3.28 9.20 -13.50
N LEU A 72 2.03 9.62 -13.54
CA LEU A 72 1.03 8.92 -12.75
C LEU A 72 0.78 7.53 -13.29
N LEU A 73 0.64 7.41 -14.60
CA LEU A 73 0.43 6.10 -15.22
C LEU A 73 1.56 5.18 -14.95
N GLN A 74 2.76 5.70 -15.01
CA GLN A 74 3.95 4.92 -14.72
C GLN A 74 4.04 4.42 -13.29
N SER A 75 3.45 5.14 -12.35
CA SER A 75 3.41 4.68 -10.97
C SER A 75 2.24 3.73 -10.77
N ALA A 76 1.09 4.03 -11.37
CA ALA A 76 -0.17 3.36 -11.02
C ALA A 76 -0.69 2.31 -12.01
N TRP A 77 0.08 1.98 -13.03
CA TRP A 77 -0.48 1.19 -14.12
C TRP A 77 -0.88 -0.21 -13.67
N MET A 78 -0.02 -0.83 -12.87
CA MET A 78 -0.27 -2.19 -12.43
C MET A 78 -1.42 -2.24 -11.45
N GLU A 79 -1.57 -1.19 -10.65
CA GLU A 79 -2.65 -1.12 -9.69
C GLU A 79 -3.98 -1.11 -10.40
N ILE A 80 -4.00 -0.43 -11.53
CA ILE A 80 -5.21 -0.34 -12.35
C ILE A 80 -5.48 -1.68 -13.02
N LEU A 81 -4.44 -2.26 -13.61
CA LEU A 81 -4.59 -3.56 -14.25
C LEU A 81 -5.12 -4.57 -13.27
N ILE A 82 -4.50 -4.65 -12.10
CA ILE A 82 -4.90 -5.62 -11.10
C ILE A 82 -6.32 -5.34 -10.65
N LEU A 83 -6.64 -4.08 -10.50
CA LEU A 83 -7.94 -3.73 -10.02
C LEU A 83 -9.02 -4.20 -10.97
N GLY A 84 -8.73 -4.18 -12.27
CA GLY A 84 -9.68 -4.62 -13.28
C GLY A 84 -9.95 -6.09 -13.14
N VAL A 85 -8.86 -6.85 -13.12
CA VAL A 85 -8.96 -8.30 -13.02
C VAL A 85 -9.77 -8.65 -11.79
N VAL A 86 -9.48 -7.93 -10.73
CA VAL A 86 -10.16 -8.14 -9.47
C VAL A 86 -11.66 -8.01 -9.64
N TYR A 87 -12.08 -6.95 -10.32
CA TYR A 87 -13.50 -6.65 -10.46
C TYR A 87 -14.20 -7.71 -11.32
N ARG A 88 -13.52 -8.14 -12.37
CA ARG A 88 -14.09 -9.12 -13.26
C ARG A 88 -14.24 -10.45 -12.54
N SER A 89 -13.42 -10.69 -11.53
CA SER A 89 -13.43 -11.97 -10.82
C SER A 89 -14.39 -12.01 -9.64
N LEU A 90 -15.14 -10.93 -9.41
CA LEU A 90 -16.02 -10.83 -8.24
C LEU A 90 -17.07 -11.92 -8.11
N SER A 91 -17.62 -12.36 -9.24
CA SER A 91 -18.68 -13.37 -9.17
C SER A 91 -18.11 -14.75 -9.42
N PHE A 92 -16.82 -14.92 -9.18
CA PHE A 92 -16.17 -16.21 -9.31
C PHE A 92 -15.57 -16.63 -7.99
N GLU A 93 -15.06 -17.86 -7.95
CA GLU A 93 -14.65 -18.49 -6.71
C GLU A 93 -13.26 -19.09 -6.86
N ASP A 94 -12.27 -18.41 -6.30
CA ASP A 94 -10.89 -18.88 -6.33
C ASP A 94 -10.36 -19.01 -7.76
N GLU A 95 -10.85 -18.13 -8.62
CA GLU A 95 -10.39 -18.04 -10.01
C GLU A 95 -10.23 -16.57 -10.38
N LEU A 96 -9.27 -16.28 -11.25
CA LEU A 96 -9.08 -14.90 -11.72
C LEU A 96 -9.39 -14.73 -13.20
N VAL A 97 -10.24 -13.75 -13.51
CA VAL A 97 -10.65 -13.49 -14.86
C VAL A 97 -9.68 -12.51 -15.50
N TYR A 98 -8.64 -13.04 -16.13
CA TYR A 98 -7.69 -12.21 -16.84
C TYR A 98 -8.18 -11.81 -18.21
N ALA A 99 -9.08 -12.64 -18.74
CA ALA A 99 -9.84 -12.33 -19.93
C ALA A 99 -11.13 -13.13 -19.80
N ASP A 100 -12.14 -12.78 -20.60
CA ASP A 100 -13.40 -13.52 -20.57
C ASP A 100 -13.20 -14.95 -20.99
N ASP A 101 -12.20 -15.21 -21.82
CA ASP A 101 -11.87 -16.57 -22.22
C ASP A 101 -10.54 -17.04 -21.61
N TYR A 102 -10.17 -16.50 -20.47
CA TYR A 102 -8.93 -16.90 -19.83
C TYR A 102 -9.04 -16.73 -18.35
N ILE A 103 -9.55 -17.77 -17.71
CA ILE A 103 -9.85 -17.69 -16.29
C ILE A 103 -8.89 -18.62 -15.60
N MET A 104 -8.04 -18.07 -14.73
CA MET A 104 -6.98 -18.85 -14.12
C MET A 104 -7.41 -19.43 -12.82
N ASP A 105 -7.30 -20.76 -12.71
CA ASP A 105 -7.54 -21.46 -11.46
C ASP A 105 -6.22 -21.79 -10.81
N GLU A 106 -6.27 -22.36 -9.61
CA GLU A 106 -5.07 -22.64 -8.85
C GLU A 106 -4.06 -23.46 -9.65
N ASP A 107 -4.52 -24.46 -10.38
CA ASP A 107 -3.63 -25.28 -11.21
C ASP A 107 -2.93 -24.47 -12.28
N GLN A 108 -3.67 -23.54 -12.86
CA GLN A 108 -3.16 -22.72 -13.96
C GLN A 108 -2.17 -21.69 -13.41
N SER A 109 -2.49 -21.12 -12.26
CA SER A 109 -1.56 -20.26 -11.56
C SER A 109 -0.28 -21.01 -11.23
N LYS A 110 -0.42 -22.25 -10.75
CA LYS A 110 0.76 -23.10 -10.46
C LYS A 110 1.58 -23.31 -11.69
N LEU A 111 0.92 -23.53 -12.82
CA LEU A 111 1.66 -23.78 -14.06
C LEU A 111 2.46 -22.56 -14.47
N ALA A 112 1.92 -21.38 -14.20
CA ALA A 112 2.55 -20.11 -14.58
C ALA A 112 3.59 -19.61 -13.58
N GLY A 113 3.60 -20.20 -12.39
CA GLY A 113 4.50 -19.77 -11.34
C GLY A 113 3.97 -18.52 -10.69
N LEU A 114 2.65 -18.43 -10.57
CA LEU A 114 1.97 -17.23 -10.13
C LEU A 114 1.03 -17.52 -8.98
N LEU A 115 1.21 -18.63 -8.29
CA LEU A 115 0.33 -18.95 -7.19
C LEU A 115 0.35 -17.85 -6.14
N ASP A 116 1.53 -17.37 -5.80
CA ASP A 116 1.66 -16.39 -4.74
C ASP A 116 1.00 -15.11 -5.20
N LEU A 117 1.32 -14.66 -6.41
CA LEU A 117 0.71 -13.45 -6.92
C LEU A 117 -0.82 -13.52 -7.03
N ASN A 118 -1.33 -14.61 -7.59
CA ASN A 118 -2.77 -14.70 -7.79
C ASN A 118 -3.53 -14.88 -6.51
N ASN A 119 -2.89 -15.49 -5.51
CA ASN A 119 -3.45 -15.54 -4.17
C ASN A 119 -3.69 -14.16 -3.60
N ALA A 120 -2.66 -13.33 -3.65
CA ALA A 120 -2.79 -11.97 -3.16
C ALA A 120 -3.94 -11.26 -3.87
N ILE A 121 -4.06 -11.48 -5.18
CA ILE A 121 -5.15 -10.88 -5.94
C ILE A 121 -6.50 -11.39 -5.44
N LEU A 122 -6.59 -12.68 -5.18
CA LEU A 122 -7.77 -13.27 -4.55
C LEU A 122 -8.08 -12.69 -3.16
N GLN A 123 -7.05 -12.38 -2.39
CA GLN A 123 -7.27 -11.74 -1.09
C GLN A 123 -8.02 -10.45 -1.33
N LEU A 124 -7.57 -9.72 -2.32
CA LEU A 124 -8.18 -8.48 -2.71
C LEU A 124 -9.60 -8.73 -3.22
N VAL A 125 -9.79 -9.81 -3.97
CA VAL A 125 -11.14 -10.17 -4.43
C VAL A 125 -12.07 -10.46 -3.26
N LYS A 126 -11.61 -11.31 -2.36
CA LYS A 126 -12.37 -11.66 -1.18
C LYS A 126 -12.87 -10.41 -0.51
N LYS A 127 -11.99 -9.45 -0.28
CA LYS A 127 -12.38 -8.27 0.47
C LYS A 127 -13.48 -7.49 -0.24
N TYR A 128 -13.42 -7.40 -1.56
CA TYR A 128 -14.43 -6.64 -2.31
C TYR A 128 -15.73 -7.42 -2.48
N LYS A 129 -15.64 -8.74 -2.51
CA LYS A 129 -16.86 -9.57 -2.50
C LYS A 129 -17.77 -9.20 -1.31
N SER A 130 -17.25 -9.37 -0.10
CA SER A 130 -18.03 -9.10 1.12
C SER A 130 -18.40 -7.63 1.32
N MET A 131 -17.77 -6.73 0.57
CA MET A 131 -18.22 -5.34 0.53
C MET A 131 -19.22 -5.14 -0.62
N LYS A 132 -19.40 -6.17 -1.46
CA LYS A 132 -20.29 -6.12 -2.63
C LYS A 132 -19.98 -4.88 -3.48
N LEU A 133 -18.74 -4.80 -3.94
CA LEU A 133 -18.25 -3.64 -4.67
C LEU A 133 -19.01 -3.43 -5.99
N GLU A 134 -19.18 -2.16 -6.36
CA GLU A 134 -19.96 -1.78 -7.53
C GLU A 134 -19.12 -1.17 -8.65
N LYS A 135 -19.53 -1.45 -9.87
CA LYS A 135 -19.05 -0.78 -11.08
C LYS A 135 -18.52 0.60 -10.75
N GLU A 136 -19.35 1.36 -10.04
CA GLU A 136 -19.17 2.80 -9.88
C GLU A 136 -17.97 3.07 -8.97
N GLU A 137 -17.87 2.22 -7.95
CA GLU A 137 -16.86 2.34 -6.93
C GLU A 137 -15.52 1.90 -7.50
N PHE A 138 -15.56 0.75 -8.16
CA PHE A 138 -14.42 0.20 -8.88
C PHE A 138 -13.78 1.23 -9.81
N VAL A 139 -14.57 1.89 -10.65
CA VAL A 139 -14.00 2.86 -11.58
C VAL A 139 -13.44 4.05 -10.86
N THR A 140 -14.05 4.39 -9.73
CA THR A 140 -13.57 5.53 -8.93
C THR A 140 -12.25 5.26 -8.20
N LEU A 141 -12.12 4.06 -7.63
CA LEU A 141 -10.85 3.65 -7.06
C LEU A 141 -9.73 3.62 -8.10
N LYS A 142 -10.03 3.16 -9.31
CA LYS A 142 -9.00 3.20 -10.34
C LYS A 142 -8.45 4.61 -10.44
N ALA A 143 -9.34 5.58 -10.58
CA ALA A 143 -8.92 6.97 -10.77
C ALA A 143 -8.22 7.49 -9.53
N ILE A 144 -8.73 7.14 -8.35
CA ILE A 144 -8.05 7.54 -7.12
C ILE A 144 -6.65 6.94 -7.08
N ALA A 145 -6.51 5.63 -7.32
CA ALA A 145 -5.22 4.97 -7.28
C ALA A 145 -4.26 5.64 -8.23
N LEU A 146 -4.76 5.97 -9.41
CA LEU A 146 -3.98 6.71 -10.39
C LEU A 146 -3.56 8.06 -9.86
N ALA A 147 -4.51 8.82 -9.33
CA ALA A 147 -4.22 10.15 -8.83
C ALA A 147 -3.32 10.08 -7.60
N ASN A 148 -3.57 9.10 -6.76
CA ASN A 148 -2.81 8.94 -5.53
C ASN A 148 -1.61 8.06 -5.75
N SER A 149 -0.99 8.16 -6.91
CA SER A 149 -0.02 7.17 -7.33
C SER A 149 1.30 7.26 -6.60
N ASP A 150 1.53 8.38 -5.92
CA ASP A 150 2.77 8.62 -5.14
C ASP A 150 4.04 8.67 -6.00
N SER A 151 3.90 9.13 -7.24
CA SER A 151 5.06 9.38 -8.06
C SER A 151 5.94 10.45 -7.41
N MET A 152 7.24 10.32 -7.62
CA MET A 152 8.20 11.29 -7.13
C MET A 152 8.67 12.23 -8.21
N HIS A 153 8.07 12.18 -9.39
CA HIS A 153 8.52 13.02 -10.51
C HIS A 153 7.39 13.94 -10.96
N ILE A 154 6.59 14.43 -10.04
CA ILE A 154 5.47 15.24 -10.44
C ILE A 154 5.90 16.69 -10.54
N GLU A 155 5.61 17.30 -11.69
CA GLU A 155 5.92 18.71 -11.93
C GLU A 155 4.97 19.59 -11.14
N ASP A 156 3.67 19.45 -11.39
CA ASP A 156 2.66 20.27 -10.72
C ASP A 156 1.87 19.52 -9.62
N VAL A 157 2.45 19.47 -8.42
CA VAL A 157 1.85 18.77 -7.28
C VAL A 157 0.42 19.25 -6.93
N GLU A 158 0.20 20.55 -6.88
CA GLU A 158 -1.13 21.11 -6.54
C GLU A 158 -2.23 20.61 -7.47
N ALA A 159 -1.92 20.49 -8.76
CA ALA A 159 -2.89 19.98 -9.74
C ALA A 159 -3.23 18.51 -9.48
N VAL A 160 -2.20 17.72 -9.22
CA VAL A 160 -2.39 16.30 -8.95
C VAL A 160 -3.19 16.11 -7.67
N GLN A 161 -2.90 16.93 -6.67
CA GLN A 161 -3.63 16.88 -5.42
C GLN A 161 -5.05 17.38 -5.61
N LYS A 162 -5.23 18.39 -6.45
CA LYS A 162 -6.58 18.88 -6.77
C LYS A 162 -7.38 17.73 -7.35
N LEU A 163 -6.77 17.03 -8.30
CA LEU A 163 -7.37 15.84 -8.90
C LEU A 163 -7.67 14.71 -7.89
N GLN A 164 -6.71 14.36 -7.03
CA GLN A 164 -6.97 13.42 -5.93
C GLN A 164 -8.22 13.85 -5.19
N ASP A 165 -8.25 15.15 -4.90
CA ASP A 165 -9.32 15.74 -4.12
C ASP A 165 -10.67 15.66 -4.82
N VAL A 166 -10.69 16.07 -6.09
CA VAL A 166 -11.90 15.97 -6.89
C VAL A 166 -12.45 14.55 -6.88
N LEU A 167 -11.59 13.56 -7.10
CA LEU A 167 -12.00 12.15 -7.13
C LEU A 167 -12.44 11.64 -5.77
N HIS A 168 -11.75 12.09 -4.74
CA HIS A 168 -12.09 11.71 -3.39
C HIS A 168 -13.51 12.15 -3.13
N GLU A 169 -13.81 13.37 -3.57
CA GLU A 169 -15.10 14.00 -3.35
C GLU A 169 -16.17 13.24 -4.11
N ALA A 170 -15.88 12.90 -5.35
CA ALA A 170 -16.77 12.08 -6.14
C ALA A 170 -17.16 10.83 -5.38
N LEU A 171 -16.17 10.16 -4.80
CA LEU A 171 -16.43 8.95 -4.01
C LEU A 171 -17.33 9.23 -2.80
N GLN A 172 -17.10 10.36 -2.12
CA GLN A 172 -17.88 10.68 -0.92
C GLN A 172 -19.34 10.91 -1.30
N ASP A 173 -19.56 11.76 -2.31
CA ASP A 173 -20.91 12.04 -2.80
C ASP A 173 -21.63 10.75 -3.18
N TYR A 174 -20.91 9.81 -3.77
CA TYR A 174 -21.53 8.58 -4.23
C TYR A 174 -21.96 7.68 -3.07
N GLU A 175 -21.14 7.59 -2.04
CA GLU A 175 -21.43 6.71 -0.92
C GLU A 175 -22.50 7.36 -0.05
N ALA A 176 -22.39 8.67 0.14
CA ALA A 176 -23.44 9.46 0.79
C ALA A 176 -24.77 9.27 0.09
N GLY A 177 -24.76 9.38 -1.24
CA GLY A 177 -25.94 9.15 -2.07
C GLY A 177 -26.49 7.75 -1.92
N GLN A 178 -25.64 6.75 -2.12
CA GLN A 178 -26.08 5.35 -2.36
C GLN A 178 -25.94 4.35 -1.21
N HIS A 179 -25.13 4.70 -0.22
CA HIS A 179 -24.92 3.79 0.90
C HIS A 179 -24.99 4.53 2.22
N MET A 180 -26.18 5.00 2.55
CA MET A 180 -26.44 5.68 3.80
C MET A 180 -26.41 4.69 4.95
N GLU A 181 -26.76 3.44 4.69
CA GLU A 181 -26.78 2.41 5.73
C GLU A 181 -25.41 2.18 6.37
N ASP A 182 -24.37 2.81 5.82
CA ASP A 182 -22.99 2.70 6.31
C ASP A 182 -22.21 3.99 5.99
N PRO A 183 -22.06 4.87 6.99
CA PRO A 183 -21.48 6.20 6.77
C PRO A 183 -19.95 6.21 6.63
N ARG A 184 -19.34 5.04 6.68
CA ARG A 184 -17.89 4.90 6.57
C ARG A 184 -17.43 4.25 5.26
N ARG A 185 -18.37 3.71 4.48
CA ARG A 185 -18.05 2.89 3.30
C ARG A 185 -16.96 3.50 2.41
N ALA A 186 -17.02 4.80 2.19
CA ALA A 186 -15.97 5.47 1.45
C ALA A 186 -14.64 5.18 2.12
N GLY A 187 -14.59 5.33 3.44
CA GLY A 187 -13.35 5.06 4.18
C GLY A 187 -12.86 3.63 4.02
N LYS A 188 -13.80 2.69 4.08
CA LYS A 188 -13.45 1.29 3.89
C LYS A 188 -12.86 1.08 2.50
N MET A 189 -13.46 1.72 1.50
CA MET A 189 -13.00 1.60 0.15
C MET A 189 -11.57 2.08 0.08
N LEU A 190 -11.32 3.27 0.60
CA LEU A 190 -9.97 3.83 0.57
C LEU A 190 -9.00 2.91 1.29
N MET A 191 -9.47 2.20 2.30
CA MET A 191 -8.62 1.31 3.08
C MET A 191 -8.20 -0.01 2.38
N THR A 192 -8.68 -0.23 1.17
CA THR A 192 -8.30 -1.40 0.37
C THR A 192 -7.11 -1.11 -0.52
N LEU A 193 -6.75 0.16 -0.63
CA LEU A 193 -5.70 0.58 -1.53
C LEU A 193 -4.31 0.14 -1.12
N PRO A 194 -4.01 0.08 0.19
CA PRO A 194 -2.72 -0.45 0.59
C PRO A 194 -2.47 -1.86 0.05
N LEU A 195 -3.43 -2.74 0.20
CA LEU A 195 -3.30 -4.07 -0.37
C LEU A 195 -3.13 -4.03 -1.90
N LEU A 196 -3.85 -3.13 -2.56
CA LEU A 196 -3.66 -2.92 -3.99
C LEU A 196 -2.26 -2.50 -4.35
N ARG A 197 -1.70 -1.55 -3.61
CA ARG A 197 -0.34 -1.09 -3.85
C ARG A 197 0.65 -2.25 -3.66
N GLN A 198 0.42 -3.02 -2.60
CA GLN A 198 1.34 -4.08 -2.23
C GLN A 198 1.35 -5.13 -3.34
N THR A 199 0.15 -5.51 -3.78
CA THR A 199 -0.02 -6.55 -4.76
C THR A 199 0.61 -6.13 -6.09
N SER A 200 0.28 -4.91 -6.51
N SER A 200 0.33 -4.89 -6.48
CA SER A 200 0.89 -4.27 -7.68
CA SER A 200 0.88 -4.34 -7.70
C SER A 200 2.40 -4.40 -7.69
C SER A 200 2.40 -4.29 -7.73
N THR A 201 3.02 -4.07 -6.58
CA THR A 201 4.49 -4.08 -6.50
C THR A 201 5.01 -5.51 -6.63
N LYS A 202 4.34 -6.44 -5.98
CA LYS A 202 4.64 -7.85 -6.13
C LYS A 202 4.55 -8.27 -7.60
N ALA A 203 3.51 -7.80 -8.28
CA ALA A 203 3.32 -8.13 -9.69
C ALA A 203 4.41 -7.55 -10.56
N VAL A 204 4.73 -6.28 -10.34
CA VAL A 204 5.72 -5.58 -11.15
C VAL A 204 7.08 -6.21 -11.00
N GLN A 205 7.51 -6.41 -9.77
CA GLN A 205 8.79 -7.06 -9.49
C GLN A 205 8.86 -8.43 -10.14
N HIS A 206 7.80 -9.22 -9.99
CA HIS A 206 7.80 -10.53 -10.58
C HIS A 206 7.93 -10.49 -12.10
N PHE A 207 7.13 -9.65 -12.75
CA PHE A 207 7.14 -9.58 -14.19
C PHE A 207 8.38 -8.89 -14.72
N TYR A 208 9.03 -8.13 -13.86
CA TYR A 208 10.29 -7.54 -14.20
C TYR A 208 11.34 -8.63 -14.22
N ASN A 209 11.35 -9.48 -13.21
CA ASN A 209 12.24 -10.65 -13.24
C ASN A 209 12.01 -11.50 -14.48
N ILE A 210 10.75 -11.66 -14.86
CA ILE A 210 10.40 -12.43 -16.04
C ILE A 210 10.97 -11.78 -17.29
N LYS A 211 10.81 -10.48 -17.43
CA LYS A 211 11.43 -9.80 -18.54
C LYS A 211 12.93 -10.08 -18.63
N LEU A 212 13.61 -10.07 -17.47
CA LEU A 212 15.08 -10.24 -17.44
C LEU A 212 15.49 -11.65 -17.82
N GLU A 213 14.70 -12.64 -17.42
CA GLU A 213 14.94 -14.01 -17.82
C GLU A 213 14.89 -14.13 -19.36
N GLY A 214 14.13 -13.25 -19.99
CA GLY A 214 14.17 -13.11 -21.45
C GLY A 214 13.47 -14.19 -22.24
N LYS A 215 12.69 -15.05 -21.58
CA LYS A 215 12.04 -16.18 -22.25
C LYS A 215 10.61 -15.89 -22.71
N VAL A 216 10.08 -14.73 -22.35
CA VAL A 216 8.67 -14.40 -22.59
C VAL A 216 8.58 -13.16 -23.46
N PRO A 217 8.09 -13.29 -24.69
CA PRO A 217 7.95 -12.11 -25.51
C PRO A 217 7.03 -11.08 -24.86
N MET A 218 7.42 -9.81 -24.92
CA MET A 218 6.61 -8.73 -24.38
C MET A 218 6.52 -7.59 -25.38
N HIS A 219 5.31 -7.06 -25.57
CA HIS A 219 5.09 -5.95 -26.50
C HIS A 219 5.54 -4.60 -25.94
N LYS A 220 5.68 -3.65 -26.84
CA LYS A 220 6.31 -2.37 -26.53
C LYS A 220 5.71 -1.64 -25.32
N LEU A 221 4.38 -1.53 -25.27
CA LEU A 221 3.76 -0.71 -24.26
C LEU A 221 4.00 -1.32 -22.88
N PHE A 222 3.76 -2.62 -22.76
CA PHE A 222 3.97 -3.32 -21.51
C PHE A 222 5.42 -3.17 -21.03
N LEU A 223 6.37 -3.25 -21.94
CA LEU A 223 7.79 -3.07 -21.61
C LEU A 223 8.12 -1.67 -21.18
N GLU A 224 7.56 -0.67 -21.86
CA GLU A 224 7.75 0.72 -21.49
C GLU A 224 7.33 0.97 -20.06
N MET A 225 6.17 0.44 -19.67
CA MET A 225 5.67 0.63 -18.31
C MET A 225 6.56 -0.13 -17.35
N LEU A 226 6.87 -1.36 -17.69
CA LEU A 226 7.71 -2.21 -16.86
C LEU A 226 9.11 -1.63 -16.57
N GLU A 227 9.67 -0.88 -17.53
CA GLU A 227 11.07 -0.41 -17.46
C GLU A 227 11.19 1.04 -17.05
N ALA A 228 10.10 1.64 -16.59
CA ALA A 228 10.10 3.06 -16.28
C ALA A 228 10.48 3.38 -14.83
N LYS A 229 10.99 4.62 -14.63
CA LYS A 229 11.33 5.23 -13.31
C LYS A 229 12.20 4.34 -12.41
N PRO B 5 -12.81 18.74 20.33
CA PRO B 5 -13.70 17.97 21.19
C PRO B 5 -12.95 16.81 21.84
N TYR B 6 -13.69 15.89 22.45
CA TYR B 6 -13.09 14.69 23.04
C TYR B 6 -13.47 13.48 22.21
N ASN B 7 -12.51 12.59 21.99
CA ASN B 7 -12.81 11.25 21.51
C ASN B 7 -12.13 10.20 22.38
N LYS B 8 -12.86 9.16 22.70
CA LYS B 8 -12.41 8.17 23.67
C LYS B 8 -11.23 7.35 23.16
N ILE B 9 -11.31 6.89 21.91
CA ILE B 9 -10.26 6.05 21.34
C ILE B 9 -8.98 6.84 21.12
N VAL B 10 -9.12 8.06 20.64
CA VAL B 10 -7.96 8.90 20.41
C VAL B 10 -7.23 9.15 21.73
N SER B 11 -7.99 9.40 22.78
CA SER B 11 -7.41 9.65 24.10
C SER B 11 -6.65 8.46 24.63
N HIS B 12 -7.18 7.26 24.42
CA HIS B 12 -6.48 6.04 24.83
C HIS B 12 -5.20 5.85 24.06
N LEU B 13 -5.25 6.13 22.75
CA LEU B 13 -4.08 5.94 21.91
C LEU B 13 -2.94 6.90 22.24
N LEU B 14 -3.30 8.14 22.55
CA LEU B 14 -2.33 9.14 23.02
C LEU B 14 -1.60 8.69 24.27
N VAL B 15 -2.36 8.09 25.17
CA VAL B 15 -1.86 7.72 26.47
C VAL B 15 -0.98 6.47 26.40
N ALA B 16 -1.31 5.59 25.45
CA ALA B 16 -0.56 4.39 25.18
C ALA B 16 0.73 4.69 24.41
N GLU B 17 0.88 5.91 23.92
CA GLU B 17 2.04 6.31 23.17
C GLU B 17 3.30 6.15 24.02
N PRO B 18 4.23 5.29 23.59
CA PRO B 18 5.29 4.89 24.50
C PRO B 18 6.46 5.87 24.47
N GLU B 19 7.45 5.58 25.33
N GLU B 19 7.43 5.66 25.36
CA GLU B 19 8.58 6.48 25.57
CA GLU B 19 8.52 6.63 25.51
C GLU B 19 9.71 6.30 24.54
C GLU B 19 9.70 6.31 24.58
N LYS B 20 10.58 7.31 24.45
CA LYS B 20 11.72 7.28 23.55
C LYS B 20 12.63 6.09 23.84
N ILE B 21 13.27 5.58 22.81
CA ILE B 21 14.45 4.75 23.04
C ILE B 21 15.60 5.33 22.25
N TYR B 22 16.76 4.68 22.39
CA TYR B 22 18.03 5.21 21.93
C TYR B 22 18.82 4.11 21.26
N ALA B 23 19.61 4.50 20.27
CA ALA B 23 20.40 3.58 19.47
C ALA B 23 21.67 3.13 20.18
N MET B 24 22.27 4.06 20.93
CA MET B 24 23.48 3.78 21.70
C MET B 24 24.51 3.10 20.81
N PRO B 25 24.93 3.78 19.73
CA PRO B 25 26.00 3.25 18.88
C PRO B 25 27.34 3.28 19.58
N ASP B 26 28.21 2.32 19.26
CA ASP B 26 29.53 2.23 19.88
C ASP B 26 30.42 3.30 19.26
N PRO B 27 31.02 4.19 20.09
CA PRO B 27 31.90 5.21 19.52
C PRO B 27 33.28 4.65 19.22
N THR B 28 33.60 3.49 19.82
CA THR B 28 34.86 2.79 19.55
C THR B 28 34.85 2.25 18.13
N VAL B 29 33.70 1.68 17.74
CA VAL B 29 33.56 0.96 16.46
C VAL B 29 33.55 1.96 15.30
N PRO B 30 34.32 1.70 14.23
CA PRO B 30 34.48 2.71 13.15
C PRO B 30 33.28 2.85 12.22
N ASP B 31 33.02 4.09 11.79
CA ASP B 31 31.88 4.43 10.94
C ASP B 31 31.89 3.73 9.58
N SER B 32 31.32 2.52 9.56
CA SER B 32 31.11 1.77 8.33
C SER B 32 29.61 1.59 8.14
N ASP B 33 29.26 0.76 7.14
CA ASP B 33 27.86 0.47 6.86
C ASP B 33 27.30 -0.64 7.77
N ILE B 34 28.14 -1.55 8.22
CA ILE B 34 27.68 -2.66 9.05
C ILE B 34 27.42 -2.17 10.47
N LYS B 35 28.14 -1.13 10.88
CA LYS B 35 27.87 -0.45 12.14
C LYS B 35 26.45 0.14 12.09
N ALA B 36 26.21 0.96 11.08
CA ALA B 36 24.90 1.55 10.85
C ALA B 36 23.80 0.51 10.85
N LEU B 37 23.98 -0.54 10.04
CA LEU B 37 22.91 -1.55 9.87
C LEU B 37 22.68 -2.33 11.13
N THR B 38 23.73 -2.54 11.90
CA THR B 38 23.63 -3.33 13.11
C THR B 38 22.87 -2.52 14.16
N THR B 39 23.21 -1.24 14.27
CA THR B 39 22.55 -0.36 15.23
C THR B 39 21.05 -0.28 14.96
N LEU B 40 20.71 0.01 13.70
CA LEU B 40 19.31 0.07 13.26
C LEU B 40 18.55 -1.21 13.59
N CYS B 41 19.18 -2.36 13.41
CA CYS B 41 18.53 -3.64 13.76
C CYS B 41 18.42 -3.91 15.24
N ASP B 42 19.39 -3.46 16.01
CA ASP B 42 19.33 -3.68 17.44
C ASP B 42 18.20 -2.81 17.96
N LEU B 43 18.17 -1.58 17.43
CA LEU B 43 17.12 -0.63 17.75
C LEU B 43 15.74 -1.17 17.38
N ALA B 44 15.60 -1.50 16.11
CA ALA B 44 14.39 -2.09 15.61
C ALA B 44 13.99 -3.22 16.52
N ASP B 45 14.96 -4.06 16.85
CA ASP B 45 14.68 -5.24 17.66
C ASP B 45 14.12 -4.87 19.02
N ARG B 46 14.70 -3.87 19.65
CA ARG B 46 14.20 -3.41 20.95
C ARG B 46 12.90 -2.62 20.78
N GLU B 47 12.82 -1.88 19.70
CA GLU B 47 11.63 -1.13 19.37
C GLU B 47 10.44 -2.07 19.18
N LEU B 48 10.68 -3.29 18.71
CA LEU B 48 9.58 -4.24 18.54
C LEU B 48 8.93 -4.65 19.87
N VAL B 49 9.70 -4.66 20.95
CA VAL B 49 9.16 -5.03 22.25
C VAL B 49 8.12 -4.01 22.63
N VAL B 50 8.50 -2.75 22.42
CA VAL B 50 7.62 -1.62 22.70
C VAL B 50 6.33 -1.71 21.90
N ILE B 51 6.46 -1.94 20.60
CA ILE B 51 5.30 -2.06 19.71
C ILE B 51 4.38 -3.16 20.18
N ILE B 52 4.96 -4.30 20.53
CA ILE B 52 4.17 -5.42 21.00
C ILE B 52 3.34 -5.00 22.20
N GLY B 53 3.99 -4.39 23.19
CA GLY B 53 3.29 -3.93 24.39
C GLY B 53 2.32 -2.79 24.12
N TRP B 54 2.62 -1.99 23.09
CA TRP B 54 1.77 -0.86 22.70
C TRP B 54 0.47 -1.33 22.04
N ALA B 55 0.59 -2.31 21.15
CA ALA B 55 -0.57 -2.95 20.56
C ALA B 55 -1.64 -3.29 21.60
N LYS B 56 -1.21 -3.81 22.74
CA LYS B 56 -2.14 -4.32 23.74
C LYS B 56 -2.98 -3.18 24.30
N HIS B 57 -2.44 -1.97 24.30
CA HIS B 57 -3.18 -0.82 24.80
C HIS B 57 -4.16 -0.25 23.77
N ILE B 58 -4.28 -0.89 22.61
CA ILE B 58 -5.21 -0.44 21.58
C ILE B 58 -6.56 -1.04 21.85
N PRO B 59 -7.57 -0.19 22.05
CA PRO B 59 -8.92 -0.65 22.39
C PRO B 59 -9.45 -1.71 21.43
N GLY B 60 -9.71 -2.89 21.95
CA GLY B 60 -10.20 -4.02 21.16
C GLY B 60 -9.12 -5.03 20.82
N PHE B 61 -7.85 -4.61 20.83
CA PHE B 61 -6.79 -5.47 20.32
C PHE B 61 -6.65 -6.75 21.13
N SER B 62 -6.62 -6.61 22.45
CA SER B 62 -6.49 -7.77 23.32
C SER B 62 -7.71 -8.67 23.27
N THR B 63 -8.84 -8.11 22.88
CA THR B 63 -10.06 -8.89 22.69
C THR B 63 -9.95 -9.95 21.57
N LEU B 64 -8.98 -9.81 20.69
CA LEU B 64 -8.75 -10.77 19.60
C LEU B 64 -8.02 -11.98 20.13
N SER B 65 -8.11 -13.07 19.37
CA SER B 65 -7.36 -14.27 19.71
C SER B 65 -5.89 -13.92 19.67
N LEU B 66 -5.09 -14.72 20.35
CA LEU B 66 -3.67 -14.48 20.36
C LEU B 66 -3.11 -14.64 18.96
N ALA B 67 -3.66 -15.58 18.18
CA ALA B 67 -3.23 -15.84 16.79
C ALA B 67 -3.42 -14.62 15.89
N ASP B 68 -4.61 -14.03 15.94
CA ASP B 68 -4.92 -12.83 15.20
C ASP B 68 -4.01 -11.69 15.68
N GLN B 69 -3.82 -11.59 16.99
CA GLN B 69 -2.92 -10.58 17.54
C GLN B 69 -1.53 -10.71 16.94
N MET B 70 -1.06 -11.93 16.73
CA MET B 70 0.25 -12.16 16.12
C MET B 70 0.24 -11.80 14.66
N SER B 71 -0.73 -12.35 13.94
CA SER B 71 -0.86 -12.09 12.50
C SER B 71 -0.81 -10.60 12.19
N LEU B 72 -1.63 -9.81 12.86
CA LEU B 72 -1.63 -8.37 12.62
C LEU B 72 -0.26 -7.79 12.87
N LEU B 73 0.40 -8.20 13.95
CA LEU B 73 1.71 -7.63 14.26
C LEU B 73 2.73 -8.09 13.25
N GLN B 74 2.59 -9.33 12.79
CA GLN B 74 3.48 -9.89 11.76
C GLN B 74 3.35 -9.20 10.39
N SER B 75 2.17 -8.69 10.06
CA SER B 75 2.01 -7.93 8.81
C SER B 75 2.49 -6.49 8.96
N ALA B 76 2.12 -5.86 10.08
CA ALA B 76 2.20 -4.42 10.20
C ALA B 76 3.45 -3.88 10.85
N TRP B 77 4.29 -4.75 11.38
CA TRP B 77 5.33 -4.27 12.29
C TRP B 77 6.22 -3.23 11.67
N MET B 78 6.67 -3.48 10.46
CA MET B 78 7.56 -2.55 9.80
C MET B 78 6.86 -1.20 9.51
N GLU B 79 5.56 -1.23 9.22
CA GLU B 79 4.83 0.03 9.01
C GLU B 79 4.82 0.87 10.27
N ILE B 80 4.71 0.19 11.40
CA ILE B 80 4.71 0.87 12.69
C ILE B 80 6.09 1.40 13.03
N LEU B 81 7.12 0.61 12.76
CA LEU B 81 8.49 1.10 12.94
C LEU B 81 8.71 2.36 12.13
N ILE B 82 8.40 2.29 10.84
CA ILE B 82 8.55 3.42 9.94
C ILE B 82 7.73 4.61 10.34
N LEU B 83 6.47 4.38 10.73
CA LEU B 83 5.64 5.51 11.19
C LEU B 83 6.29 6.22 12.36
N GLY B 84 6.87 5.44 13.26
CA GLY B 84 7.65 5.99 14.35
C GLY B 84 8.75 6.91 13.83
N VAL B 85 9.57 6.39 12.94
CA VAL B 85 10.64 7.18 12.37
C VAL B 85 10.10 8.44 11.71
N VAL B 86 9.03 8.28 10.94
CA VAL B 86 8.45 9.40 10.23
C VAL B 86 8.07 10.49 11.19
N TYR B 87 7.35 10.11 12.25
CA TYR B 87 6.84 11.11 13.18
C TYR B 87 7.98 11.87 13.85
N ARG B 88 8.93 11.12 14.40
CA ARG B 88 10.06 11.73 15.05
C ARG B 88 10.75 12.73 14.11
N SER B 89 10.64 12.48 12.80
CA SER B 89 11.39 13.24 11.80
C SER B 89 10.68 14.47 11.26
N LEU B 90 9.45 14.71 11.72
CA LEU B 90 8.65 15.82 11.20
C LEU B 90 9.21 17.21 11.53
N SER B 91 9.92 17.35 12.66
CA SER B 91 10.50 18.67 13.01
C SER B 91 11.83 18.90 12.29
N PHE B 92 12.34 17.90 11.61
CA PHE B 92 13.59 18.02 10.86
C PHE B 92 13.36 18.21 9.35
N GLU B 93 14.44 18.27 8.60
CA GLU B 93 14.38 18.45 7.15
C GLU B 93 15.38 17.53 6.49
N ASP B 94 14.90 16.65 5.61
CA ASP B 94 15.80 15.78 4.82
C ASP B 94 16.72 14.92 5.70
N GLU B 95 16.23 14.61 6.89
CA GLU B 95 16.93 13.71 7.82
C GLU B 95 15.89 12.85 8.53
N LEU B 96 16.30 11.66 8.95
CA LEU B 96 15.40 10.73 9.60
C LEU B 96 15.84 10.44 11.01
N VAL B 97 14.97 10.74 11.97
CA VAL B 97 15.29 10.52 13.36
C VAL B 97 14.91 9.09 13.70
N TYR B 98 15.84 8.18 13.43
CA TYR B 98 15.69 6.78 13.84
C TYR B 98 15.57 6.68 15.36
N ALA B 99 16.44 7.42 16.06
CA ALA B 99 16.32 7.68 17.50
C ALA B 99 16.90 9.07 17.76
N ASP B 100 16.75 9.55 18.99
CA ASP B 100 17.24 10.87 19.37
C ASP B 100 18.78 10.93 19.26
N ASP B 101 19.43 9.80 19.42
CA ASP B 101 20.88 9.72 19.32
C ASP B 101 21.32 9.10 18.01
N TYR B 102 20.42 9.05 17.03
CA TYR B 102 20.77 8.51 15.72
C TYR B 102 19.93 9.13 14.61
N ILE B 103 20.49 10.14 13.96
CA ILE B 103 19.81 10.89 12.93
C ILE B 103 20.61 10.77 11.65
N MET B 104 19.95 10.34 10.58
CA MET B 104 20.62 10.10 9.31
C MET B 104 20.28 11.15 8.30
N ASP B 105 21.31 11.85 7.82
CA ASP B 105 21.11 12.77 6.71
C ASP B 105 21.42 12.00 5.45
N GLU B 106 21.29 12.68 4.33
CA GLU B 106 21.47 12.04 3.03
C GLU B 106 22.80 11.31 2.91
N ASP B 107 23.88 11.98 3.28
CA ASP B 107 25.21 11.37 3.17
C ASP B 107 25.30 10.11 4.01
N GLN B 108 24.77 10.16 5.23
CA GLN B 108 24.78 8.98 6.12
C GLN B 108 23.90 7.82 5.59
N SER B 109 22.88 8.14 4.81
CA SER B 109 22.05 7.11 4.15
C SER B 109 22.87 6.39 3.06
N LYS B 110 23.58 7.16 2.24
CA LYS B 110 24.50 6.63 1.21
C LYS B 110 25.49 5.66 1.83
N LEU B 111 26.21 6.16 2.84
CA LEU B 111 27.22 5.36 3.53
C LEU B 111 26.68 4.00 3.95
N ALA B 112 25.41 3.95 4.34
CA ALA B 112 24.80 2.70 4.79
C ALA B 112 24.03 1.95 3.70
N GLY B 113 23.97 2.50 2.49
CA GLY B 113 23.29 1.86 1.37
C GLY B 113 21.78 1.87 1.57
N LEU B 114 21.26 3.04 1.97
CA LEU B 114 19.85 3.20 2.34
C LEU B 114 19.26 4.44 1.74
N LEU B 115 19.92 5.00 0.74
CA LEU B 115 19.45 6.24 0.17
C LEU B 115 18.04 6.10 -0.36
N ASP B 116 17.81 5.07 -1.17
CA ASP B 116 16.53 4.92 -1.84
C ASP B 116 15.44 4.73 -0.82
N LEU B 117 15.70 3.82 0.11
CA LEU B 117 14.73 3.53 1.18
C LEU B 117 14.45 4.75 2.04
N ASN B 118 15.50 5.40 2.50
CA ASN B 118 15.32 6.56 3.36
C ASN B 118 14.67 7.72 2.61
N ASN B 119 14.95 7.86 1.31
CA ASN B 119 14.24 8.87 0.48
C ASN B 119 12.72 8.64 0.46
N ALA B 120 12.33 7.38 0.39
CA ALA B 120 10.92 7.03 0.33
C ALA B 120 10.26 7.39 1.65
N ILE B 121 10.96 7.10 2.74
CA ILE B 121 10.47 7.45 4.07
C ILE B 121 10.39 8.97 4.18
N LEU B 122 11.44 9.66 3.77
CA LEU B 122 11.39 11.11 3.67
C LEU B 122 10.20 11.61 2.87
N GLN B 123 9.80 10.88 1.84
CA GLN B 123 8.65 11.28 1.02
C GLN B 123 7.43 11.25 1.92
N LEU B 124 7.38 10.24 2.76
CA LEU B 124 6.29 10.03 3.69
C LEU B 124 6.26 11.18 4.68
N VAL B 125 7.44 11.51 5.18
CA VAL B 125 7.62 12.60 6.13
C VAL B 125 7.08 13.88 5.54
N LYS B 126 7.55 14.20 4.34
CA LYS B 126 7.17 15.46 3.68
C LYS B 126 5.67 15.58 3.44
N LYS B 127 5.01 14.47 3.14
CA LYS B 127 3.56 14.45 2.96
C LYS B 127 2.87 14.85 4.27
N TYR B 128 3.23 14.19 5.36
CA TYR B 128 2.62 14.52 6.65
C TYR B 128 2.95 15.94 7.14
N LYS B 129 4.15 16.42 6.85
CA LYS B 129 4.49 17.83 7.05
C LYS B 129 3.55 18.76 6.26
N SER B 130 3.33 18.47 4.98
CA SER B 130 2.45 19.30 4.15
C SER B 130 1.02 19.27 4.67
N MET B 131 0.65 18.21 5.37
CA MET B 131 -0.70 18.08 5.91
C MET B 131 -0.84 18.57 7.35
N LYS B 132 0.29 18.92 7.99
CA LYS B 132 0.32 19.32 9.41
C LYS B 132 -0.28 18.22 10.30
N LEU B 133 0.31 17.03 10.19
CA LEU B 133 -0.10 15.87 10.97
C LEU B 133 0.01 16.13 12.47
N GLU B 134 -1.10 15.95 13.16
CA GLU B 134 -1.13 16.12 14.60
C GLU B 134 -0.90 14.80 15.30
N LYS B 135 -0.37 14.89 16.51
CA LYS B 135 -0.19 13.72 17.35
C LYS B 135 -1.44 12.83 17.35
N GLU B 136 -2.62 13.45 17.44
CA GLU B 136 -3.87 12.71 17.58
C GLU B 136 -4.15 11.85 16.36
N GLU B 137 -3.89 12.43 15.19
CA GLU B 137 -4.02 11.75 13.91
C GLU B 137 -2.96 10.63 13.79
N PHE B 138 -1.71 10.98 14.07
CA PHE B 138 -0.62 10.02 14.04
C PHE B 138 -0.89 8.73 14.80
N VAL B 139 -1.35 8.82 16.04
CA VAL B 139 -1.53 7.60 16.85
C VAL B 139 -2.71 6.80 16.35
N THR B 140 -3.72 7.50 15.87
CA THR B 140 -4.89 6.85 15.31
C THR B 140 -4.51 6.09 14.04
N LEU B 141 -3.68 6.73 13.21
CA LEU B 141 -3.26 6.12 11.94
C LEU B 141 -2.38 4.93 12.15
N LYS B 142 -1.48 5.05 13.11
CA LYS B 142 -0.61 3.95 13.51
C LYS B 142 -1.44 2.76 13.93
N ALA B 143 -2.54 3.02 14.62
CA ALA B 143 -3.41 1.93 15.07
C ALA B 143 -4.16 1.33 13.88
N ILE B 144 -4.67 2.21 13.01
CA ILE B 144 -5.34 1.78 11.80
C ILE B 144 -4.39 0.94 10.96
N ALA B 145 -3.15 1.40 10.83
CA ALA B 145 -2.14 0.65 10.09
C ALA B 145 -2.04 -0.75 10.61
N LEU B 146 -2.06 -0.91 11.92
CA LEU B 146 -1.97 -2.23 12.50
C LEU B 146 -3.20 -3.05 12.18
N ALA B 147 -4.36 -2.44 12.34
CA ALA B 147 -5.60 -3.17 12.16
C ALA B 147 -5.92 -3.47 10.70
N ASN B 148 -5.42 -2.64 9.78
CA ASN B 148 -5.68 -2.78 8.33
C ASN B 148 -4.48 -3.45 7.63
N SER B 149 -3.85 -4.38 8.33
CA SER B 149 -2.54 -4.86 7.89
C SER B 149 -2.58 -5.97 6.86
N ASP B 150 -3.77 -6.48 6.57
CA ASP B 150 -4.01 -7.41 5.45
C ASP B 150 -3.23 -8.69 5.53
N SER B 151 -3.19 -9.31 6.71
CA SER B 151 -2.58 -10.63 6.84
C SER B 151 -3.46 -11.63 6.13
N MET B 152 -2.83 -12.68 5.59
CA MET B 152 -3.57 -13.74 4.93
C MET B 152 -4.13 -14.77 5.92
N HIS B 153 -3.74 -14.67 7.18
CA HIS B 153 -3.94 -15.74 8.14
C HIS B 153 -4.92 -15.42 9.24
N ILE B 154 -5.90 -14.55 8.99
CA ILE B 154 -6.80 -14.13 10.06
C ILE B 154 -7.89 -15.16 10.29
N GLU B 155 -7.95 -15.65 11.53
CA GLU B 155 -9.02 -16.56 11.96
C GLU B 155 -10.36 -15.83 11.99
N ASP B 156 -10.48 -14.86 12.90
CA ASP B 156 -11.74 -14.12 13.08
C ASP B 156 -11.78 -12.79 12.31
N VAL B 157 -12.19 -12.87 11.05
CA VAL B 157 -12.22 -11.73 10.16
C VAL B 157 -13.16 -10.62 10.68
N GLU B 158 -14.29 -11.00 11.27
CA GLU B 158 -15.28 -10.01 11.69
C GLU B 158 -14.80 -9.20 12.89
N ALA B 159 -14.01 -9.81 13.77
CA ALA B 159 -13.48 -9.07 14.92
C ALA B 159 -12.47 -8.03 14.43
N VAL B 160 -11.57 -8.46 13.56
CA VAL B 160 -10.56 -7.56 13.02
C VAL B 160 -11.24 -6.42 12.27
N GLN B 161 -12.27 -6.73 11.51
CA GLN B 161 -13.04 -5.71 10.81
C GLN B 161 -13.69 -4.75 11.80
N LYS B 162 -14.16 -5.27 12.93
CA LYS B 162 -14.74 -4.44 13.98
C LYS B 162 -13.66 -3.45 14.46
N LEU B 163 -12.50 -4.00 14.78
CA LEU B 163 -11.40 -3.18 15.24
C LEU B 163 -11.05 -2.10 14.21
N GLN B 164 -11.05 -2.47 12.93
CA GLN B 164 -10.83 -1.49 11.87
C GLN B 164 -11.90 -0.41 11.93
N ASP B 165 -13.14 -0.86 12.06
CA ASP B 165 -14.30 0.01 12.13
C ASP B 165 -14.16 1.00 13.27
N VAL B 166 -13.93 0.46 14.47
CA VAL B 166 -13.76 1.32 15.63
C VAL B 166 -12.70 2.38 15.38
N LEU B 167 -11.53 1.97 14.93
CA LEU B 167 -10.41 2.90 14.78
C LEU B 167 -10.69 3.97 13.74
N HIS B 168 -11.30 3.51 12.66
CA HIS B 168 -11.75 4.33 11.57
C HIS B 168 -12.76 5.36 12.09
N GLU B 169 -13.77 4.90 12.81
CA GLU B 169 -14.79 5.80 13.35
C GLU B 169 -14.14 6.92 14.17
N ALA B 170 -13.17 6.56 15.00
CA ALA B 170 -12.50 7.56 15.83
C ALA B 170 -11.83 8.67 15.01
N LEU B 171 -11.24 8.28 13.89
CA LEU B 171 -10.59 9.23 13.00
C LEU B 171 -11.65 10.13 12.38
N GLN B 172 -12.74 9.52 11.96
CA GLN B 172 -13.86 10.28 11.43
C GLN B 172 -14.29 11.36 12.44
N ASP B 173 -14.52 10.96 13.70
CA ASP B 173 -14.97 11.90 14.72
C ASP B 173 -13.96 12.99 14.95
N TYR B 174 -12.70 12.59 15.14
CA TYR B 174 -11.66 13.56 15.43
C TYR B 174 -11.56 14.62 14.35
N GLU B 175 -11.64 14.19 13.10
CA GLU B 175 -11.53 15.10 11.95
C GLU B 175 -12.83 15.89 11.78
N ALA B 176 -13.96 15.24 12.07
CA ALA B 176 -15.27 15.91 12.10
C ALA B 176 -15.27 17.03 13.14
N GLY B 177 -14.71 16.75 14.31
CA GLY B 177 -14.64 17.70 15.40
C GLY B 177 -13.59 18.77 15.23
N GLN B 178 -12.36 18.39 14.85
CA GLN B 178 -11.24 19.34 14.81
C GLN B 178 -10.97 19.95 13.44
N HIS B 179 -11.50 19.35 12.38
CA HIS B 179 -11.18 19.79 11.02
C HIS B 179 -12.41 19.82 10.13
N MET B 180 -13.35 20.67 10.52
CA MET B 180 -14.57 20.86 9.75
C MET B 180 -14.26 21.69 8.51
N GLU B 181 -13.16 22.46 8.55
CA GLU B 181 -12.69 23.24 7.39
C GLU B 181 -12.11 22.36 6.27
N ASP B 182 -12.02 21.06 6.51
CA ASP B 182 -11.64 20.08 5.49
C ASP B 182 -12.41 18.79 5.75
N PRO B 183 -13.62 18.66 5.16
CA PRO B 183 -14.45 17.48 5.42
C PRO B 183 -13.93 16.21 4.74
N ARG B 184 -12.77 16.30 4.09
CA ARG B 184 -12.15 15.14 3.49
C ARG B 184 -10.88 14.69 4.22
N ARG B 185 -10.34 15.57 5.08
CA ARG B 185 -9.08 15.31 5.79
C ARG B 185 -8.87 13.87 6.26
N ALA B 186 -9.89 13.24 6.83
CA ALA B 186 -9.79 11.86 7.25
C ALA B 186 -9.38 10.99 6.07
N GLY B 187 -10.11 11.08 4.98
CA GLY B 187 -9.79 10.29 3.79
C GLY B 187 -8.42 10.58 3.25
N LYS B 188 -7.98 11.84 3.35
CA LYS B 188 -6.64 12.22 2.91
C LYS B 188 -5.61 11.49 3.74
N MET B 189 -5.92 11.32 5.03
CA MET B 189 -5.02 10.62 5.94
C MET B 189 -4.90 9.17 5.53
N LEU B 190 -6.04 8.53 5.32
CA LEU B 190 -6.08 7.13 4.90
C LEU B 190 -5.35 6.90 3.58
N MET B 191 -5.39 7.89 2.71
CA MET B 191 -4.76 7.79 1.42
C MET B 191 -3.24 7.88 1.49
N THR B 192 -2.69 8.11 2.68
CA THR B 192 -1.24 8.04 2.88
C THR B 192 -0.79 6.62 3.21
N LEU B 193 -1.72 5.72 3.44
CA LEU B 193 -1.39 4.35 3.83
C LEU B 193 -0.73 3.50 2.74
N PRO B 194 -1.19 3.65 1.49
CA PRO B 194 -0.49 2.98 0.41
C PRO B 194 0.98 3.25 0.43
N LEU B 195 1.38 4.52 0.44
CA LEU B 195 2.80 4.80 0.44
C LEU B 195 3.51 4.21 1.68
N LEU B 196 2.84 4.22 2.82
CA LEU B 196 3.36 3.56 4.01
C LEU B 196 3.60 2.09 3.72
N ARG B 197 2.61 1.40 3.15
CA ARG B 197 2.72 -0.04 2.83
C ARG B 197 3.89 -0.32 1.91
N GLN B 198 3.93 0.46 0.84
CA GLN B 198 4.96 0.37 -0.18
C GLN B 198 6.35 0.50 0.43
N THR B 199 6.49 1.47 1.33
CA THR B 199 7.77 1.78 1.93
C THR B 199 8.12 0.69 2.94
N SER B 200 7.12 0.22 3.64
CA SER B 200 7.29 -0.90 4.53
C SER B 200 7.86 -2.09 3.75
N THR B 201 7.21 -2.45 2.66
CA THR B 201 7.70 -3.56 1.80
C THR B 201 9.12 -3.31 1.29
N LYS B 202 9.38 -2.13 0.77
CA LYS B 202 10.71 -1.83 0.31
C LYS B 202 11.70 -2.14 1.43
N ALA B 203 11.38 -1.71 2.64
CA ALA B 203 12.28 -1.90 3.78
C ALA B 203 12.40 -3.39 4.17
N VAL B 204 11.27 -4.08 4.30
CA VAL B 204 11.30 -5.51 4.64
C VAL B 204 12.20 -6.25 3.67
N GLN B 205 12.04 -5.99 2.37
CA GLN B 205 12.86 -6.65 1.35
C GLN B 205 14.33 -6.29 1.42
N HIS B 206 14.65 -5.05 1.77
CA HIS B 206 16.04 -4.66 1.80
C HIS B 206 16.73 -5.38 2.94
N PHE B 207 16.13 -5.29 4.12
CA PHE B 207 16.71 -5.89 5.31
C PHE B 207 16.66 -7.41 5.28
N TYR B 208 15.78 -7.98 4.47
CA TYR B 208 15.73 -9.43 4.33
C TYR B 208 16.95 -9.88 3.55
N ASN B 209 17.31 -9.11 2.52
CA ASN B 209 18.53 -9.38 1.75
C ASN B 209 19.75 -9.34 2.64
N ILE B 210 19.79 -8.33 3.51
CA ILE B 210 20.89 -8.20 4.45
C ILE B 210 20.99 -9.39 5.40
N LYS B 211 19.85 -9.85 5.92
CA LYS B 211 19.84 -11.08 6.70
C LYS B 211 20.51 -12.20 5.91
N LEU B 212 20.13 -12.35 4.65
CA LEU B 212 20.64 -13.42 3.81
C LEU B 212 22.13 -13.27 3.55
N GLU B 213 22.61 -12.04 3.33
CA GLU B 213 24.05 -11.81 3.16
C GLU B 213 24.88 -12.18 4.40
N GLY B 214 24.22 -12.33 5.55
CA GLY B 214 24.84 -12.91 6.75
C GLY B 214 25.88 -12.07 7.49
N LYS B 215 26.14 -10.84 7.04
CA LYS B 215 27.17 -9.96 7.64
C LYS B 215 26.68 -9.07 8.81
N VAL B 216 25.36 -8.94 8.99
CA VAL B 216 24.78 -8.05 10.00
C VAL B 216 24.06 -8.87 11.07
N PRO B 217 24.59 -8.88 12.32
CA PRO B 217 23.96 -9.74 13.32
C PRO B 217 22.61 -9.16 13.71
N MET B 218 21.64 -10.01 14.00
CA MET B 218 20.29 -9.55 14.24
C MET B 218 19.72 -10.30 15.41
N HIS B 219 19.13 -9.58 16.36
CA HIS B 219 18.58 -10.23 17.52
C HIS B 219 17.32 -11.01 17.15
N LYS B 220 16.92 -11.89 18.06
CA LYS B 220 15.93 -12.91 17.75
C LYS B 220 14.61 -12.31 17.21
N LEU B 221 13.96 -11.49 18.03
CA LEU B 221 12.64 -10.93 17.71
C LEU B 221 12.63 -10.31 16.32
N PHE B 222 13.65 -9.53 16.02
CA PHE B 222 13.76 -8.92 14.70
C PHE B 222 13.69 -10.00 13.65
N LEU B 223 14.58 -11.00 13.77
CA LEU B 223 14.60 -12.12 12.81
C LEU B 223 13.25 -12.80 12.66
N GLU B 224 12.62 -13.11 13.80
CA GLU B 224 11.31 -13.78 13.84
C GLU B 224 10.25 -13.01 13.05
N MET B 225 10.25 -11.68 13.20
CA MET B 225 9.30 -10.82 12.51
C MET B 225 9.69 -10.72 11.04
N LEU B 226 10.99 -10.67 10.80
CA LEU B 226 11.48 -10.56 9.44
C LEU B 226 11.10 -11.77 8.61
N GLU B 227 11.24 -12.96 9.18
CA GLU B 227 10.95 -14.19 8.46
C GLU B 227 9.47 -14.55 8.58
N ALA B 228 8.59 -13.60 8.27
CA ALA B 228 7.13 -13.82 8.40
C ALA B 228 6.35 -12.89 7.45
N SER C 13 7.62 6.64 -24.88
CA SER C 13 7.28 7.34 -26.15
C SER C 13 6.01 6.79 -26.82
N LEU C 14 5.71 5.50 -26.67
CA LEU C 14 4.40 4.98 -27.12
C LEU C 14 3.34 5.39 -26.14
N LEU C 15 3.67 5.34 -24.86
CA LEU C 15 2.83 5.92 -23.83
C LEU C 15 2.53 7.37 -24.20
N LEU C 16 3.60 8.13 -24.41
CA LEU C 16 3.49 9.53 -24.78
C LEU C 16 2.60 9.67 -26.01
N HIS C 17 2.97 8.93 -27.06
CA HIS C 17 2.23 8.97 -28.30
C HIS C 17 0.76 8.66 -28.05
N LEU C 18 0.48 7.61 -27.30
CA LEU C 18 -0.89 7.25 -27.02
C LEU C 18 -1.59 8.33 -26.22
N LEU C 19 -0.84 9.03 -25.38
CA LEU C 19 -1.41 10.14 -24.61
C LEU C 19 -1.65 11.35 -25.51
N LYS C 20 -0.71 11.61 -26.43
CA LYS C 20 -0.88 12.71 -27.40
C LYS C 20 -2.00 12.45 -28.42
N SER C 21 -2.52 11.22 -28.53
CA SER C 21 -3.55 10.89 -29.52
C SER C 21 -4.91 11.55 -29.23
N GLN C 22 -5.99 11.00 -29.78
CA GLN C 22 -7.12 11.82 -30.24
C GLN C 22 -8.51 11.64 -29.59
N THR C 23 -9.36 10.80 -30.20
CA THR C 23 -10.82 10.97 -30.21
C THR C 23 -11.39 10.05 -31.29
N SER D 13 6.71 -17.52 18.61
CA SER D 13 7.08 -17.94 20.00
C SER D 13 7.58 -16.76 20.86
N LEU D 14 8.54 -16.00 20.33
CA LEU D 14 9.05 -14.85 21.06
C LEU D 14 8.00 -13.73 21.04
N LEU D 15 7.45 -13.50 19.85
CA LEU D 15 6.27 -12.68 19.73
C LEU D 15 5.19 -13.14 20.69
N LEU D 16 4.91 -14.44 20.70
CA LEU D 16 3.86 -14.97 21.57
C LEU D 16 4.19 -14.76 23.06
N HIS D 17 5.41 -15.11 23.43
CA HIS D 17 5.84 -14.93 24.81
C HIS D 17 5.60 -13.47 25.27
N LEU D 18 6.06 -12.51 24.47
CA LEU D 18 5.93 -11.11 24.80
C LEU D 18 4.49 -10.64 24.86
N LEU D 19 3.64 -11.12 23.96
CA LEU D 19 2.21 -10.82 24.05
C LEU D 19 1.70 -11.28 25.40
N LYS D 20 2.09 -12.50 25.77
CA LYS D 20 1.69 -13.10 27.03
C LYS D 20 2.41 -12.46 28.24
N SER D 21 3.61 -11.96 28.04
CA SER D 21 4.34 -11.31 29.13
C SER D 21 3.76 -9.92 29.37
N GLN D 22 4.12 -9.30 30.48
CA GLN D 22 3.54 -7.99 30.82
C GLN D 22 4.45 -6.85 30.39
N THR D 23 3.81 -5.73 30.05
CA THR D 23 4.51 -4.56 29.52
C THR D 23 5.17 -3.84 30.70
N ILE D 24 6.50 -3.79 30.68
CA ILE D 24 7.29 -3.17 31.75
C ILE D 24 8.09 -1.98 31.17
N PRO D 25 7.45 -0.79 31.08
CA PRO D 25 8.19 0.42 30.66
C PRO D 25 8.85 1.12 31.85
N1 1BA E . -6.64 -7.68 -17.22
C4 1BA E . -1.82 -8.47 -15.70
C5 1BA E . -2.04 -9.19 -16.86
C6 1BA E . -3.27 -9.12 -17.47
C7 1BA E . -4.28 -8.36 -16.93
C8 1BA E . -5.59 -8.35 -17.61
C10 1BA E . -10.17 -7.62 -18.19
C13 1BA E . -12.56 -8.40 -19.21
C15 1BA E . -10.94 -6.71 -18.87
C17 1BA E . -2.84 -7.73 -15.17
C1 1BA E . -0.51 -9.34 -13.75
C2 1BA E . -0.51 -8.45 -14.96
C3 1BA E . 0.65 -8.81 -15.86
N2 1BA E . -7.75 -7.83 -18.02
C9 1BA E . -8.90 -7.16 -17.64
O1 1BA E . -8.96 -6.22 -16.88
C11 1BA E . -10.59 -8.93 -18.00
C12 1BA E . -11.80 -9.32 -18.52
O2 1BA E . -13.78 -8.77 -19.74
C14 1BA E . -12.14 -7.10 -19.40
C16 1BA E . -4.08 -7.67 -15.78
#